data_8T35
#
_entry.id   8T35
#
_cell.length_a   37.356
_cell.length_b   49.927
_cell.length_c   69.784
_cell.angle_alpha   90.00
_cell.angle_beta   94.61
_cell.angle_gamma   90.00
#
_symmetry.space_group_name_H-M   'P 1 21 1'
#
loop_
_entity.id
_entity.type
_entity.pdbx_description
1 polymer 'Tumor protein p53-inducible nuclear protein 2,Microtubule-associated proteins 1A/1B light chain 3A'
2 non-polymer 1,2-ETHANEDIOL
3 water water
#
_entity_poly.entity_id   1
_entity_poly.type   'polypeptide(L)'
_entity_poly.pdbx_seq_one_letter_code
;GSDEVDGWLIIDMPSDRPFKQRRSFADRCKEVQQIRDQHPSKIPVIIERYKGEKQLPVLDKT(ALY)FLVPDHVNMSELV
KIIRRRLQLNPTQAFFLLVNQHSMVSVSTPIADIYEQEKDEDGFLYMVYASQETFGF
;
_entity_poly.pdbx_strand_id   A,B
#
loop_
_chem_comp.id
_chem_comp.type
_chem_comp.name
_chem_comp.formula
EDO non-polymer 1,2-ETHANEDIOL 'C2 H6 O2'
#
# COMPACT_ATOMS: atom_id res chain seq x y z
N ASP A 6 7.24 -30.07 42.61
CA ASP A 6 6.83 -31.44 42.18
C ASP A 6 6.53 -31.53 40.68
N GLY A 7 5.32 -31.18 40.30
CA GLY A 7 4.87 -31.44 38.95
C GLY A 7 5.16 -30.39 37.89
N TRP A 8 4.11 -30.01 37.19
CA TRP A 8 4.16 -29.14 36.03
C TRP A 8 3.83 -27.69 36.38
N LEU A 9 4.44 -26.76 35.63
CA LEU A 9 4.05 -25.36 35.66
C LEU A 9 3.22 -25.07 34.41
N ILE A 10 1.90 -25.01 34.55
CA ILE A 10 1.01 -24.82 33.42
C ILE A 10 0.78 -23.32 33.26
N ILE A 11 1.00 -22.82 32.05
CA ILE A 11 0.82 -21.40 31.76
C ILE A 11 -0.32 -21.22 30.77
N ASP A 12 -1.25 -20.34 31.11
CA ASP A 12 -2.46 -20.05 30.35
C ASP A 12 -2.44 -18.58 30.01
N MET A 13 -2.44 -18.26 28.73
CA MET A 13 -2.38 -16.88 28.27
C MET A 13 -3.29 -16.74 27.06
N PRO A 14 -4.00 -15.62 26.94
CA PRO A 14 -4.88 -15.46 25.78
C PRO A 14 -4.05 -15.30 24.51
N SER A 15 -4.63 -15.73 23.40
CA SER A 15 -3.94 -15.71 22.11
C SER A 15 -3.99 -14.32 21.48
N ASP A 16 -2.86 -13.91 20.90
CA ASP A 16 -2.82 -12.71 20.07
C ASP A 16 -2.63 -13.08 18.61
N ARG A 17 -2.92 -14.32 18.24
CA ARG A 17 -2.77 -14.76 16.85
C ARG A 17 -3.89 -14.21 15.98
N PRO A 18 -3.60 -13.93 14.70
CA PRO A 18 -4.63 -13.42 13.80
C PRO A 18 -5.87 -14.31 13.77
N PHE A 19 -6.97 -13.68 13.36
CA PHE A 19 -8.26 -14.35 13.29
C PHE A 19 -8.21 -15.61 12.44
N LYS A 20 -7.44 -15.58 11.36
CA LYS A 20 -7.32 -16.75 10.48
C LYS A 20 -6.70 -17.94 11.19
N GLN A 21 -5.89 -17.70 12.22
CA GLN A 21 -5.26 -18.78 12.97
C GLN A 21 -6.06 -19.20 14.19
N ARG A 22 -7.02 -18.38 14.63
CA ARG A 22 -7.88 -18.71 15.76
C ARG A 22 -9.15 -19.42 15.35
N ARG A 23 -9.53 -19.30 14.08
CA ARG A 23 -10.77 -19.85 13.55
C ARG A 23 -10.42 -20.70 12.35
N SER A 24 -11.03 -21.89 12.29
CA SER A 24 -10.74 -22.79 11.19
C SER A 24 -11.28 -22.22 9.89
N PHE A 25 -10.71 -22.70 8.80
CA PHE A 25 -11.19 -22.33 7.47
C PHE A 25 -12.66 -22.69 7.31
N ALA A 26 -13.06 -23.87 7.77
CA ALA A 26 -14.45 -24.30 7.65
C ALA A 26 -15.37 -23.40 8.46
N ASP A 27 -14.95 -23.01 9.66
CA ASP A 27 -15.80 -22.12 10.46
C ASP A 27 -15.86 -20.72 9.86
N ARG A 28 -14.77 -20.26 9.26
CA ARG A 28 -14.81 -18.92 8.66
C ARG A 28 -15.73 -18.90 7.45
N CYS A 29 -15.57 -19.86 6.55
CA CYS A 29 -16.46 -19.98 5.39
C CYS A 29 -17.91 -20.09 5.81
N LYS A 30 -18.18 -20.91 6.82
CA LYS A 30 -19.54 -21.08 7.31
C LYS A 30 -20.10 -19.77 7.86
N GLU A 31 -19.25 -19.01 8.57
CA GLU A 31 -19.74 -17.77 9.19
C GLU A 31 -20.12 -16.74 8.15
N VAL A 32 -19.29 -16.59 7.12
CA VAL A 32 -19.61 -15.63 6.08
C VAL A 32 -20.88 -16.05 5.37
N GLN A 33 -21.05 -17.35 5.14
CA GLN A 33 -22.24 -17.83 4.46
C GLN A 33 -23.50 -17.45 5.23
N GLN A 34 -23.49 -17.69 6.55
CA GLN A 34 -24.63 -17.30 7.38
C GLN A 34 -24.88 -15.81 7.31
N ILE A 35 -23.81 -15.01 7.38
CA ILE A 35 -23.92 -13.55 7.38
C ILE A 35 -24.42 -13.04 6.03
N ARG A 36 -23.92 -13.60 4.94
CA ARG A 36 -24.40 -13.15 3.63
C ARG A 36 -25.85 -13.55 3.38
N ASP A 37 -26.37 -14.54 4.13
CA ASP A 37 -27.78 -14.91 4.07
C ASP A 37 -28.64 -13.97 4.90
N GLN A 38 -28.25 -13.74 6.15
CA GLN A 38 -29.01 -12.84 7.01
C GLN A 38 -28.83 -11.38 6.61
N HIS A 39 -27.68 -11.02 6.06
CA HIS A 39 -27.33 -9.63 5.76
C HIS A 39 -26.75 -9.52 4.36
N PRO A 40 -27.56 -9.75 3.32
CA PRO A 40 -27.03 -9.76 1.94
C PRO A 40 -26.50 -8.41 1.46
N SER A 41 -26.78 -7.33 2.18
CA SER A 41 -26.31 -6.01 1.79
C SER A 41 -25.16 -5.52 2.66
N LYS A 42 -24.50 -6.42 3.38
CA LYS A 42 -23.41 -6.03 4.26
C LYS A 42 -22.14 -6.78 3.89
N ILE A 43 -21.01 -6.15 4.16
CA ILE A 43 -19.69 -6.68 3.83
C ILE A 43 -19.04 -7.14 5.12
N PRO A 44 -18.61 -8.40 5.21
CA PRO A 44 -17.93 -8.87 6.43
C PRO A 44 -16.44 -8.57 6.38
N VAL A 45 -15.98 -7.71 7.27
CA VAL A 45 -14.61 -7.24 7.28
C VAL A 45 -13.94 -7.64 8.59
N ILE A 46 -12.75 -8.23 8.48
CA ILE A 46 -11.87 -8.51 9.61
C ILE A 46 -10.83 -7.39 9.62
N ILE A 47 -10.75 -6.68 10.73
CA ILE A 47 -9.84 -5.55 10.86
C ILE A 47 -8.96 -5.84 12.06
N GLU A 48 -7.67 -5.97 11.84
CA GLU A 48 -6.75 -6.33 12.90
C GLU A 48 -5.57 -5.39 12.87
N ARG A 49 -4.82 -5.39 13.95
CA ARG A 49 -3.64 -4.56 14.03
C ARG A 49 -2.53 -5.18 13.21
N TYR A 50 -1.81 -4.34 12.47
CA TYR A 50 -0.68 -4.83 11.69
C TYR A 50 0.30 -5.53 12.61
N LYS A 51 0.91 -6.60 12.09
CA LYS A 51 1.66 -7.51 12.95
C LYS A 51 2.72 -6.76 13.76
N GLY A 52 3.59 -6.02 13.09
CA GLY A 52 4.68 -5.39 13.82
C GLY A 52 4.32 -4.04 14.39
N GLU A 53 3.05 -3.81 14.72
CA GLU A 53 2.60 -2.52 15.23
C GLU A 53 2.69 -2.48 16.75
N LYS A 54 3.21 -1.37 17.27
CA LYS A 54 3.37 -1.17 18.71
C LYS A 54 2.90 0.20 19.19
N GLN A 55 2.66 1.15 18.29
CA GLN A 55 2.25 2.49 18.70
C GLN A 55 0.75 2.55 18.99
N LEU A 56 -0.04 1.76 18.25
CA LEU A 56 -1.49 1.74 18.38
C LEU A 56 -1.92 0.48 19.12
N PRO A 57 -2.98 0.54 19.92
CA PRO A 57 -3.41 -0.63 20.69
C PRO A 57 -4.26 -1.58 19.87
N VAL A 58 -4.57 -2.72 20.48
CA VAL A 58 -5.45 -3.70 19.88
C VAL A 58 -6.89 -3.32 20.22
N LEU A 59 -7.80 -3.56 19.28
CA LEU A 59 -9.23 -3.35 19.51
C LEU A 59 -9.87 -4.62 20.07
N ASP A 60 -10.95 -4.43 20.85
CA ASP A 60 -11.70 -5.55 21.39
C ASP A 60 -12.55 -6.24 20.32
N LYS A 61 -12.88 -5.54 19.23
CA LYS A 61 -13.67 -6.10 18.13
C LYS A 61 -12.86 -6.12 16.85
N THR A 62 -12.84 -7.29 16.20
CA THR A 62 -12.07 -7.53 15.00
C THR A 62 -12.99 -7.79 13.80
OH ALY A 63 -17.20 -15.63 16.18
CH ALY A 63 -16.50 -14.82 15.69
CH3 ALY A 63 -15.28 -14.34 16.40
NZ ALY A 63 -16.77 -14.30 14.53
CE ALY A 63 -15.88 -13.34 13.91
CD ALY A 63 -16.03 -11.90 14.33
CG ALY A 63 -15.31 -10.94 13.41
CB ALY A 63 -16.05 -9.63 13.40
CA ALY A 63 -15.21 -8.46 13.01
N ALY A 63 -14.24 -8.16 14.03
C ALY A 63 -16.16 -7.33 12.84
O ALY A 63 -16.80 -6.99 13.78
HH31 ALY A 63 -15.19 -14.92 17.35
HH32 ALY A 63 -14.34 -14.48 15.81
HH33 ALY A 63 -15.45 -13.27 16.66
HZ ALY A 63 -17.56 -14.59 14.03
HE3 ALY A 63 -16.04 -13.40 12.80
HE2 ALY A 63 -14.81 -13.61 14.09
HD3 ALY A 63 -15.66 -11.73 15.36
HD2 ALY A 63 -17.13 -11.63 14.34
HG3 ALY A 63 -15.26 -11.36 12.38
HG2 ALY A 63 -14.27 -10.78 13.77
HB3 ALY A 63 -16.47 -9.44 14.42
HB2 ALY A 63 -16.90 -9.72 12.69
HA ALY A 63 -14.67 -8.67 12.03
N PHE A 64 -16.28 -6.80 11.66
CA PHE A 64 -17.11 -5.64 11.34
C PHE A 64 -18.08 -5.94 10.20
N LEU A 65 -19.38 -5.70 10.41
CA LEU A 65 -20.39 -5.82 9.38
C LEU A 65 -20.74 -4.44 8.87
N VAL A 66 -20.35 -4.17 7.63
CA VAL A 66 -20.35 -2.82 7.07
C VAL A 66 -21.37 -2.71 5.94
N PRO A 67 -22.17 -1.65 5.85
CA PRO A 67 -23.05 -1.51 4.68
C PRO A 67 -22.22 -1.50 3.40
N ASP A 68 -22.74 -2.16 2.36
CA ASP A 68 -22.00 -2.30 1.10
C ASP A 68 -21.90 -1.01 0.31
N HIS A 69 -22.65 0.03 0.67
CA HIS A 69 -22.68 1.27 -0.12
C HIS A 69 -21.63 2.29 0.31
N VAL A 70 -21.02 2.11 1.50
CA VAL A 70 -20.11 3.11 2.04
C VAL A 70 -18.74 3.03 1.39
N ASN A 71 -18.00 4.14 1.46
CA ASN A 71 -16.63 4.17 0.98
C ASN A 71 -15.65 3.76 2.08
N MET A 72 -14.40 3.55 1.64
CA MET A 72 -13.33 3.21 2.56
C MET A 72 -13.17 4.29 3.62
N SER A 73 -13.53 5.53 3.28
CA SER A 73 -13.51 6.63 4.23
C SER A 73 -14.32 6.30 5.48
N GLU A 74 -15.52 5.75 5.30
CA GLU A 74 -16.35 5.42 6.46
C GLU A 74 -15.68 4.39 7.37
N LEU A 75 -14.92 3.47 6.80
CA LEU A 75 -14.32 2.48 7.66
C LEU A 75 -13.15 3.09 8.43
N VAL A 76 -12.42 4.01 7.79
CA VAL A 76 -11.34 4.71 8.47
C VAL A 76 -11.88 5.51 9.65
N LYS A 77 -12.96 6.26 9.45
CA LYS A 77 -13.47 7.06 10.55
C LYS A 77 -13.93 6.18 11.72
N ILE A 78 -14.48 5.01 11.41
CA ILE A 78 -14.97 4.11 12.45
C ILE A 78 -13.81 3.58 13.28
N ILE A 79 -12.76 3.10 12.60
CA ILE A 79 -11.59 2.60 13.31
C ILE A 79 -10.88 3.73 14.06
N ARG A 80 -10.82 4.92 13.47
CA ARG A 80 -10.21 6.05 14.16
C ARG A 80 -10.96 6.34 15.45
N ARG A 81 -12.28 6.21 15.44
CA ARG A 81 -13.05 6.48 16.64
C ARG A 81 -12.83 5.42 17.70
N ARG A 82 -12.84 4.14 17.29
CA ARG A 82 -12.64 3.09 18.28
C ARG A 82 -11.23 3.15 18.84
N LEU A 83 -10.26 3.56 18.04
CA LEU A 83 -8.90 3.80 18.52
C LEU A 83 -8.78 5.10 19.30
N GLN A 84 -9.83 5.93 19.28
CA GLN A 84 -9.88 7.19 20.03
C GLN A 84 -8.68 8.07 19.70
N LEU A 85 -8.35 8.16 18.43
CA LEU A 85 -7.19 8.95 18.04
C LEU A 85 -7.54 10.44 18.02
N ASN A 86 -6.53 11.26 18.33
CA ASN A 86 -6.59 12.70 18.18
C ASN A 86 -6.02 13.08 16.82
N PRO A 87 -6.25 14.31 16.36
CA PRO A 87 -5.82 14.67 15.00
C PRO A 87 -4.32 14.50 14.74
N THR A 88 -3.46 14.58 15.75
CA THR A 88 -2.02 14.45 15.54
C THR A 88 -1.58 13.00 15.31
N GLN A 89 -2.50 12.04 15.39
CA GLN A 89 -2.17 10.62 15.23
C GLN A 89 -2.64 10.14 13.87
N ALA A 90 -1.69 9.86 12.97
CA ALA A 90 -2.01 9.35 11.64
C ALA A 90 -1.85 7.83 11.60
N PHE A 91 -2.73 7.17 10.85
CA PHE A 91 -2.64 5.73 10.68
C PHE A 91 -3.11 5.36 9.28
N PHE A 92 -2.77 4.14 8.87
CA PHE A 92 -3.17 3.61 7.57
C PHE A 92 -4.02 2.37 7.79
N LEU A 93 -4.89 2.10 6.83
CA LEU A 93 -5.71 0.89 6.82
C LEU A 93 -5.36 0.19 5.53
N LEU A 94 -4.76 -0.99 5.64
CA LEU A 94 -4.20 -1.70 4.51
C LEU A 94 -5.08 -2.89 4.16
N VAL A 95 -5.37 -3.06 2.90
CA VAL A 95 -6.15 -4.20 2.47
C VAL A 95 -5.19 -5.37 2.25
N ASN A 96 -5.65 -6.56 2.63
CA ASN A 96 -4.80 -7.75 2.61
C ASN A 96 -3.68 -7.37 3.57
N GLN A 97 -2.41 -7.45 3.19
CA GLN A 97 -1.31 -7.10 4.08
C GLN A 97 -0.65 -5.75 3.84
N HIS A 98 -0.51 -5.33 2.59
CA HIS A 98 0.19 -4.09 2.29
C HIS A 98 -0.45 -3.22 1.21
N SER A 99 -1.74 -3.38 0.91
CA SER A 99 -2.35 -2.65 -0.19
C SER A 99 -3.00 -1.37 0.33
N MET A 100 -2.50 -0.23 -0.16
CA MET A 100 -3.03 1.09 0.15
C MET A 100 -4.14 1.46 -0.82
N VAL A 101 -5.33 1.81 -0.29
CA VAL A 101 -6.45 2.16 -1.17
C VAL A 101 -6.97 3.56 -0.82
N SER A 102 -7.50 4.26 -1.81
CA SER A 102 -8.02 5.59 -1.58
C SER A 102 -9.29 5.53 -0.72
N VAL A 103 -9.46 6.50 0.17
CA VAL A 103 -10.62 6.52 1.06
C VAL A 103 -11.90 6.70 0.25
N SER A 104 -11.80 7.17 -0.99
CA SER A 104 -12.98 7.33 -1.82
C SER A 104 -13.39 6.02 -2.49
N THR A 105 -12.58 4.98 -2.40
CA THR A 105 -12.93 3.72 -3.06
C THR A 105 -14.11 3.08 -2.34
N PRO A 106 -15.16 2.66 -3.04
CA PRO A 106 -16.25 1.95 -2.36
C PRO A 106 -15.80 0.62 -1.78
N ILE A 107 -16.32 0.30 -0.59
CA ILE A 107 -15.94 -0.96 0.05
C ILE A 107 -16.42 -2.14 -0.78
N ALA A 108 -17.53 -1.98 -1.51
CA ALA A 108 -18.03 -3.08 -2.31
C ALA A 108 -17.05 -3.45 -3.42
N ASP A 109 -16.37 -2.45 -4.01
CA ASP A 109 -15.37 -2.75 -5.03
C ASP A 109 -14.16 -3.43 -4.43
N ILE A 110 -13.72 -2.95 -3.26
CA ILE A 110 -12.60 -3.60 -2.58
C ILE A 110 -12.96 -5.04 -2.26
N TYR A 111 -14.19 -5.27 -1.81
CA TYR A 111 -14.64 -6.61 -1.43
C TYR A 111 -14.53 -7.58 -2.60
N GLU A 112 -15.15 -7.25 -3.73
CA GLU A 112 -15.18 -8.19 -4.84
C GLU A 112 -13.80 -8.40 -5.44
N GLN A 113 -12.86 -7.48 -5.23
CA GLN A 113 -11.52 -7.61 -5.79
C GLN A 113 -10.54 -8.28 -4.85
N GLU A 114 -10.69 -8.08 -3.53
CA GLU A 114 -9.68 -8.48 -2.57
C GLU A 114 -10.17 -9.46 -1.51
N LYS A 115 -11.43 -9.89 -1.56
CA LYS A 115 -11.92 -10.76 -0.51
C LYS A 115 -11.19 -12.08 -0.50
N ASP A 116 -11.07 -12.65 0.69
CA ASP A 116 -10.43 -13.95 0.85
C ASP A 116 -11.36 -15.05 0.36
N GLU A 117 -10.76 -16.21 0.10
CA GLU A 117 -11.54 -17.39 -0.29
C GLU A 117 -12.63 -17.71 0.73
N ASP A 118 -12.41 -17.40 2.01
CA ASP A 118 -13.43 -17.71 3.02
C ASP A 118 -14.57 -16.69 3.03
N GLY A 119 -14.50 -15.63 2.25
CA GLY A 119 -15.58 -14.66 2.17
C GLY A 119 -15.38 -13.42 2.99
N PHE A 120 -14.43 -13.42 3.93
CA PHE A 120 -14.11 -12.21 4.66
C PHE A 120 -13.22 -11.33 3.81
N LEU A 121 -13.23 -10.03 4.14
CA LEU A 121 -12.28 -9.05 3.62
C LEU A 121 -11.33 -8.70 4.75
N TYR A 122 -10.04 -8.98 4.56
CA TYR A 122 -9.06 -8.79 5.63
C TYR A 122 -8.35 -7.46 5.47
N MET A 123 -8.33 -6.67 6.55
CA MET A 123 -7.59 -5.42 6.58
C MET A 123 -6.77 -5.35 7.86
N VAL A 124 -5.72 -4.55 7.83
CA VAL A 124 -4.92 -4.26 9.03
C VAL A 124 -4.67 -2.76 9.10
N TYR A 125 -4.59 -2.26 10.32
CA TYR A 125 -4.25 -0.87 10.56
C TYR A 125 -2.85 -0.75 11.15
N ALA A 126 -2.13 0.28 10.73
CA ALA A 126 -0.79 0.54 11.21
C ALA A 126 -0.54 2.03 11.20
N SER A 127 0.46 2.46 11.97
CA SER A 127 0.87 3.85 12.00
C SER A 127 2.06 4.04 11.08
N GLN A 128 2.32 5.30 10.72
CA GLN A 128 3.43 5.64 9.84
C GLN A 128 4.75 5.08 10.36
N GLU A 129 4.95 5.07 11.69
CA GLU A 129 6.19 4.58 12.26
C GLU A 129 6.56 3.19 11.76
N THR A 130 5.60 2.28 11.68
CA THR A 130 5.91 0.90 11.36
C THR A 130 6.58 0.76 9.99
N ASP B 3 4.32 29.76 -33.16
CA ASP B 3 3.25 29.71 -32.12
C ASP B 3 1.87 29.59 -32.78
N GLU B 4 1.75 30.10 -34.00
CA GLU B 4 0.55 29.92 -34.81
C GLU B 4 0.96 29.35 -36.16
N VAL B 5 0.44 28.17 -36.50
CA VAL B 5 0.82 27.46 -37.72
C VAL B 5 -0.45 27.08 -38.48
N ASP B 6 -0.55 27.55 -39.73
CA ASP B 6 -1.67 27.19 -40.60
C ASP B 6 -3.01 27.60 -39.98
N GLY B 7 -3.05 28.78 -39.38
CA GLY B 7 -4.21 29.26 -38.66
C GLY B 7 -4.42 28.66 -37.30
N TRP B 8 -3.61 27.69 -36.89
CA TRP B 8 -3.85 26.99 -35.63
C TRP B 8 -2.97 27.60 -34.57
N LEU B 9 -3.52 27.73 -33.37
CA LEU B 9 -2.80 28.33 -32.25
C LEU B 9 -2.30 27.19 -31.37
N ILE B 10 -0.99 26.98 -31.41
CA ILE B 10 -0.32 25.85 -30.78
C ILE B 10 0.00 26.17 -29.32
N ILE B 11 -0.25 25.18 -28.46
CA ILE B 11 0.00 25.27 -27.03
C ILE B 11 1.22 24.40 -26.74
N ASP B 12 2.13 24.90 -25.90
CA ASP B 12 3.44 24.28 -25.73
C ASP B 12 3.67 23.71 -24.34
N MET B 13 2.63 23.54 -23.53
CA MET B 13 2.82 23.09 -22.17
C MET B 13 3.67 21.81 -22.13
N PRO B 14 4.56 21.65 -21.14
CA PRO B 14 5.42 20.47 -21.09
C PRO B 14 4.67 19.20 -20.72
N SER B 15 5.25 18.08 -21.14
CA SER B 15 4.67 16.77 -20.90
C SER B 15 4.96 16.31 -19.48
N ASP B 16 3.94 15.78 -18.82
CA ASP B 16 4.05 15.16 -17.50
C ASP B 16 3.80 13.66 -17.53
N ARG B 17 4.23 13.04 -18.63
CA ARG B 17 4.00 11.61 -18.66
C ARG B 17 4.71 10.81 -17.59
N PRO B 18 3.92 9.74 -17.15
CA PRO B 18 4.72 8.75 -16.41
C PRO B 18 5.59 7.98 -17.38
N PHE B 19 6.66 7.39 -16.85
CA PHE B 19 7.59 6.65 -17.69
C PHE B 19 6.88 5.56 -18.47
N LYS B 20 5.88 4.92 -17.86
CA LYS B 20 5.17 3.80 -18.49
C LYS B 20 4.40 4.26 -19.72
N GLN B 21 3.98 5.51 -19.76
CA GLN B 21 3.24 6.04 -20.89
C GLN B 21 4.14 6.60 -21.98
N ARG B 22 5.42 6.71 -21.75
CA ARG B 22 6.28 7.23 -22.77
C ARG B 22 6.88 6.18 -23.60
N ARG B 23 6.94 4.95 -23.12
CA ARG B 23 7.49 3.87 -23.92
C ARG B 23 6.65 2.69 -23.97
N SER B 24 6.86 1.95 -24.99
CA SER B 24 6.06 0.76 -25.20
C SER B 24 6.54 -0.38 -24.30
N PHE B 25 5.66 -1.37 -24.09
CA PHE B 25 6.02 -2.52 -23.28
C PHE B 25 7.27 -3.20 -23.82
N ALA B 26 7.34 -3.37 -25.15
CA ALA B 26 8.50 -4.01 -25.74
C ALA B 26 9.77 -3.19 -25.49
N ASP B 27 9.65 -1.85 -25.57
CA ASP B 27 10.82 -1.01 -25.36
C ASP B 27 11.27 -1.04 -23.90
N ARG B 28 10.32 -1.07 -22.96
CA ARG B 28 10.66 -1.13 -21.55
C ARG B 28 11.32 -2.46 -21.21
N CYS B 29 10.74 -3.56 -21.69
CA CYS B 29 11.37 -4.86 -21.49
C CYS B 29 12.78 -4.88 -22.06
N LYS B 30 12.95 -4.32 -23.27
CA LYS B 30 14.26 -4.30 -23.90
C LYS B 30 15.26 -3.52 -23.04
N GLU B 31 14.81 -2.39 -22.48
CA GLU B 31 15.71 -1.56 -21.69
C GLU B 31 16.11 -2.29 -20.41
N VAL B 32 15.17 -2.96 -19.75
CA VAL B 32 15.49 -3.67 -18.52
C VAL B 32 16.53 -4.75 -18.78
N GLN B 33 16.38 -5.50 -19.88
CA GLN B 33 17.32 -6.57 -20.18
C GLN B 33 18.74 -6.03 -20.40
N GLN B 34 18.87 -4.95 -21.16
CA GLN B 34 20.18 -4.32 -21.30
C GLN B 34 20.72 -3.92 -19.95
N ILE B 35 19.87 -3.35 -19.08
CA ILE B 35 20.34 -2.89 -17.79
C ILE B 35 20.74 -4.06 -16.91
N ARG B 36 19.91 -5.10 -16.87
CA ARG B 36 20.22 -6.28 -16.07
C ARG B 36 21.42 -7.04 -16.61
N ASP B 37 21.81 -6.78 -17.86
CA ASP B 37 23.00 -7.43 -18.42
C ASP B 37 24.27 -6.71 -17.97
N GLN B 38 24.33 -5.40 -18.18
CA GLN B 38 25.52 -4.63 -17.81
C GLN B 38 25.67 -4.50 -16.30
N HIS B 39 24.56 -4.45 -15.57
CA HIS B 39 24.56 -4.19 -14.14
C HIS B 39 23.69 -5.24 -13.46
N PRO B 40 24.13 -6.50 -13.46
CA PRO B 40 23.32 -7.55 -12.84
C PRO B 40 23.19 -7.42 -11.33
N SER B 41 23.94 -6.50 -10.72
CA SER B 41 23.92 -6.28 -9.28
C SER B 41 23.15 -5.03 -8.89
N LYS B 42 22.40 -4.43 -9.81
CA LYS B 42 21.63 -3.23 -9.52
C LYS B 42 20.18 -3.42 -9.95
N ILE B 43 19.28 -2.68 -9.30
CA ILE B 43 17.84 -2.78 -9.52
C ILE B 43 17.40 -1.53 -10.28
N PRO B 44 16.71 -1.66 -11.42
CA PRO B 44 16.21 -0.49 -12.14
C PRO B 44 14.90 0.00 -11.55
N VAL B 45 14.92 1.18 -10.95
CA VAL B 45 13.79 1.68 -10.18
C VAL B 45 13.30 2.96 -10.84
N ILE B 46 11.99 3.02 -11.10
CA ILE B 46 11.31 4.21 -11.59
C ILE B 46 10.57 4.84 -10.40
N ILE B 47 10.93 6.08 -10.06
CA ILE B 47 10.34 6.79 -8.93
C ILE B 47 9.72 8.08 -9.46
N GLU B 48 8.41 8.19 -9.32
CA GLU B 48 7.66 9.29 -9.89
C GLU B 48 6.71 9.87 -8.84
N ARG B 49 6.19 11.04 -9.15
CA ARG B 49 5.23 11.67 -8.28
C ARG B 49 3.89 10.96 -8.41
N TYR B 50 3.24 10.74 -7.27
CA TYR B 50 1.89 10.22 -7.26
C TYR B 50 0.95 11.14 -8.05
N LYS B 51 -0.09 10.55 -8.63
CA LYS B 51 -0.99 11.30 -9.51
C LYS B 51 -1.53 12.56 -8.83
N GLY B 52 -2.26 12.39 -7.75
CA GLY B 52 -3.02 13.47 -7.15
C GLY B 52 -2.30 14.26 -6.09
N GLU B 53 -1.00 14.33 -6.22
CA GLU B 53 -0.24 15.06 -5.25
C GLU B 53 -0.30 16.56 -5.49
N LYS B 54 -0.37 17.31 -4.41
CA LYS B 54 -0.48 18.73 -4.45
C LYS B 54 0.57 19.49 -3.68
N GLN B 55 0.91 19.05 -2.49
CA GLN B 55 1.90 19.75 -1.66
C GLN B 55 3.33 19.38 -2.04
N LEU B 56 3.53 18.40 -2.93
CA LEU B 56 4.87 17.90 -3.22
C LEU B 56 5.33 18.18 -4.65
N PRO B 57 6.58 18.67 -4.80
CA PRO B 57 7.04 18.95 -6.16
C PRO B 57 7.47 17.75 -6.96
N VAL B 58 7.58 17.88 -8.26
CA VAL B 58 7.97 16.76 -9.12
C VAL B 58 9.47 16.52 -8.98
N LEU B 59 9.86 15.26 -9.16
CA LEU B 59 11.29 14.93 -9.14
C LEU B 59 11.91 15.34 -10.47
N ASP B 60 13.12 15.87 -10.39
CA ASP B 60 13.84 16.27 -11.59
C ASP B 60 14.42 15.05 -12.32
N LYS B 61 14.79 14.03 -11.57
CA LYS B 61 15.32 12.79 -12.12
C LYS B 61 14.47 11.67 -11.54
N THR B 62 13.93 10.81 -12.40
CA THR B 62 13.01 9.78 -11.96
C THR B 62 13.53 8.36 -12.20
OH ALY B 63 16.07 5.69 -20.37
CH ALY B 63 15.50 4.89 -19.65
CH3 ALY B 63 15.59 3.43 -19.86
NZ ALY B 63 14.76 5.29 -18.65
CE ALY B 63 15.08 6.34 -17.70
CD ALY B 63 14.65 5.93 -16.29
CG ALY B 63 14.60 7.05 -15.27
CB ALY B 63 15.73 6.79 -14.33
CA ALY B 63 15.31 6.94 -12.92
N ALY B 63 14.75 8.23 -12.68
C ALY B 63 16.49 6.68 -12.06
O ALY B 63 17.44 7.42 -12.11
HH31 ALY B 63 16.53 3.34 -20.45
HH32 ALY B 63 14.69 3.09 -20.44
HH33 ALY B 63 15.60 2.94 -18.87
HE3 ALY B 63 14.57 7.29 -18.00
HE2 ALY B 63 16.20 6.50 -17.71
HD3 ALY B 63 15.28 5.10 -15.93
HD2 ALY B 63 13.61 5.52 -16.37
HG3 ALY B 63 13.62 7.04 -14.74
HG2 ALY B 63 14.73 8.05 -15.77
HB3 ALY B 63 16.54 7.55 -14.51
HB2 ALY B 63 16.21 5.79 -14.45
HA ALY B 63 14.53 6.15 -12.70
N PHE B 64 16.47 5.59 -11.34
CA PHE B 64 17.50 5.26 -10.36
C PHE B 64 17.97 3.80 -10.48
N LEU B 65 19.28 3.62 -10.58
CA LEU B 65 19.90 2.30 -10.60
C LEU B 65 20.47 2.04 -9.20
N VAL B 66 19.86 1.09 -8.50
CA VAL B 66 20.06 0.91 -7.07
C VAL B 66 20.75 -0.43 -6.83
N PRO B 67 21.79 -0.50 -5.99
CA PRO B 67 22.38 -1.80 -5.62
C PRO B 67 21.39 -2.70 -4.88
N ASP B 68 21.54 -3.98 -5.12
CA ASP B 68 20.67 -5.00 -4.59
C ASP B 68 20.51 -5.02 -3.12
N HIS B 69 21.54 -4.57 -2.46
CA HIS B 69 21.70 -4.74 -1.02
C HIS B 69 21.10 -3.62 -0.19
N VAL B 70 20.80 -2.48 -0.79
CA VAL B 70 20.32 -1.37 0.02
C VAL B 70 18.89 -1.67 0.42
N ASN B 71 18.52 -1.17 1.58
CA ASN B 71 17.16 -1.29 2.09
C ASN B 71 16.34 -0.10 1.60
N MET B 72 15.04 -0.14 1.88
CA MET B 72 14.17 0.96 1.49
C MET B 72 14.56 2.27 2.18
N SER B 73 15.07 2.21 3.41
CA SER B 73 15.50 3.44 4.08
C SER B 73 16.52 4.18 3.23
N GLU B 74 17.52 3.46 2.72
CA GLU B 74 18.58 4.09 1.97
C GLU B 74 18.01 4.77 0.73
N LEU B 75 16.93 4.23 0.16
CA LEU B 75 16.28 4.83 -0.98
C LEU B 75 15.34 5.97 -0.59
N VAL B 76 14.68 5.87 0.56
CA VAL B 76 13.79 6.94 1.01
C VAL B 76 14.59 8.21 1.23
N LYS B 77 15.74 8.09 1.89
CA LYS B 77 16.56 9.26 2.15
C LYS B 77 17.08 9.87 0.86
N ILE B 78 17.32 9.05 -0.16
CA ILE B 78 17.68 9.61 -1.46
C ILE B 78 16.56 10.50 -1.95
N ILE B 79 15.33 10.02 -1.87
CA ILE B 79 14.19 10.85 -2.25
C ILE B 79 14.09 12.02 -1.31
N ARG B 80 14.41 11.82 -0.04
CA ARG B 80 14.44 12.96 0.88
C ARG B 80 15.42 14.03 0.42
N ARG B 81 16.59 13.61 -0.09
CA ARG B 81 17.58 14.59 -0.53
C ARG B 81 17.21 15.18 -1.89
N ARG B 82 16.71 14.36 -2.82
CA ARG B 82 16.41 14.87 -4.15
C ARG B 82 15.26 15.87 -4.12
N LEU B 83 14.23 15.63 -3.30
CA LEU B 83 13.15 16.61 -3.16
C LEU B 83 13.47 17.74 -2.19
N GLN B 84 14.46 17.56 -1.33
CA GLN B 84 14.91 18.64 -0.44
C GLN B 84 13.74 19.21 0.38
N LEU B 85 12.93 18.31 0.93
CA LEU B 85 11.72 18.67 1.65
C LEU B 85 12.04 19.17 3.06
N ASN B 86 11.07 19.89 3.64
CA ASN B 86 11.19 20.35 5.02
C ASN B 86 10.72 19.27 5.99
N PRO B 87 11.21 19.31 7.24
CA PRO B 87 10.86 18.24 8.19
C PRO B 87 9.37 18.18 8.54
N THR B 88 8.66 19.31 8.53
CA THR B 88 7.25 19.31 8.89
C THR B 88 6.37 18.76 7.78
N GLN B 89 6.94 18.48 6.61
CA GLN B 89 6.23 17.95 5.46
C GLN B 89 6.64 16.49 5.33
N ALA B 90 5.74 15.58 5.70
CA ALA B 90 6.03 14.16 5.67
C ALA B 90 5.58 13.56 4.36
N PHE B 91 6.31 12.54 3.90
CA PHE B 91 5.97 11.86 2.67
C PHE B 91 6.15 10.36 2.85
N PHE B 92 5.44 9.62 2.01
CA PHE B 92 5.48 8.17 1.98
C PHE B 92 5.79 7.69 0.56
N LEU B 93 6.35 6.49 0.48
CA LEU B 93 6.75 5.88 -0.78
C LEU B 93 6.03 4.55 -0.95
N LEU B 94 5.22 4.44 -2.01
CA LEU B 94 4.48 3.22 -2.31
C LEU B 94 5.16 2.48 -3.45
N VAL B 95 5.38 1.19 -3.26
CA VAL B 95 6.01 0.35 -4.26
C VAL B 95 4.96 -0.26 -5.16
N ASN B 96 5.31 -0.41 -6.44
CA ASN B 96 4.45 -1.05 -7.43
C ASN B 96 3.12 -0.31 -7.44
N GLN B 97 2.00 -0.96 -7.23
CA GLN B 97 0.71 -0.30 -7.23
C GLN B 97 0.09 -0.47 -5.85
N HIS B 98 0.27 0.54 -5.01
CA HIS B 98 -0.34 0.65 -3.68
C HIS B 98 0.33 -0.21 -2.61
N SER B 99 1.61 -0.57 -2.73
CA SER B 99 2.20 -1.50 -1.77
C SER B 99 3.02 -0.67 -0.77
N MET B 100 2.59 -0.69 0.49
CA MET B 100 3.39 -0.14 1.57
C MET B 100 4.31 -1.24 2.07
N VAL B 101 5.61 -0.99 2.04
CA VAL B 101 6.61 -2.00 2.41
C VAL B 101 7.45 -1.46 3.55
N SER B 102 7.98 -2.38 4.34
CA SER B 102 8.78 -2.00 5.50
C SER B 102 10.08 -1.33 5.06
N VAL B 103 10.48 -0.30 5.81
CA VAL B 103 11.69 0.43 5.49
C VAL B 103 12.94 -0.42 5.67
N SER B 104 12.86 -1.51 6.43
CA SER B 104 14.01 -2.39 6.64
C SER B 104 14.14 -3.48 5.57
N THR B 105 13.15 -3.63 4.70
CA THR B 105 13.21 -4.69 3.70
C THR B 105 14.25 -4.36 2.63
N PRO B 106 15.15 -5.29 2.29
CA PRO B 106 16.08 -5.04 1.19
C PRO B 106 15.34 -4.97 -0.14
N ILE B 107 15.76 -4.04 -0.99
CA ILE B 107 15.06 -3.83 -2.25
C ILE B 107 15.14 -5.06 -3.14
N ALA B 108 16.16 -5.90 -2.95
CA ALA B 108 16.28 -7.13 -3.75
C ALA B 108 15.08 -8.04 -3.56
N ASP B 109 14.59 -8.14 -2.32
CA ASP B 109 13.36 -8.91 -2.09
C ASP B 109 12.15 -8.17 -2.64
N ILE B 110 12.12 -6.84 -2.48
CA ILE B 110 11.02 -6.06 -3.03
C ILE B 110 10.97 -6.21 -4.55
N TYR B 111 12.13 -6.17 -5.19
CA TYR B 111 12.19 -6.31 -6.65
C TYR B 111 11.56 -7.62 -7.09
N GLU B 112 12.06 -8.74 -6.56
CA GLU B 112 11.58 -10.04 -7.03
C GLU B 112 10.12 -10.27 -6.66
N GLN B 113 9.61 -9.58 -5.63
CA GLN B 113 8.22 -9.75 -5.23
C GLN B 113 7.27 -8.79 -5.93
N GLU B 114 7.73 -7.57 -6.24
CA GLU B 114 6.86 -6.49 -6.67
C GLU B 114 7.21 -5.92 -8.04
N LYS B 115 8.19 -6.49 -8.75
CA LYS B 115 8.60 -5.91 -10.01
C LYS B 115 7.45 -5.99 -11.02
N ASP B 116 7.43 -4.99 -11.91
CA ASP B 116 6.41 -4.92 -12.93
C ASP B 116 6.63 -6.00 -13.98
N GLU B 117 5.59 -6.22 -14.77
CA GLU B 117 5.68 -7.15 -15.88
C GLU B 117 6.87 -6.83 -16.79
N ASP B 118 7.20 -5.53 -16.95
CA ASP B 118 8.30 -5.14 -17.82
C ASP B 118 9.68 -5.25 -17.16
N GLY B 119 9.77 -5.64 -15.89
CA GLY B 119 11.05 -5.81 -15.23
C GLY B 119 11.50 -4.62 -14.40
N PHE B 120 10.89 -3.46 -14.60
CA PHE B 120 11.17 -2.31 -13.75
C PHE B 120 10.45 -2.47 -12.42
N LEU B 121 10.96 -1.77 -11.41
CA LEU B 121 10.28 -1.64 -10.13
C LEU B 121 9.75 -0.20 -10.05
N TYR B 122 8.44 -0.07 -9.93
CA TYR B 122 7.80 1.23 -9.94
C TYR B 122 7.50 1.68 -8.51
N MET B 123 7.87 2.92 -8.19
CA MET B 123 7.55 3.50 -6.90
C MET B 123 6.98 4.90 -7.12
N VAL B 124 6.15 5.34 -6.19
CA VAL B 124 5.59 6.69 -6.22
C VAL B 124 5.64 7.26 -4.81
N TYR B 125 5.87 8.56 -4.74
CA TYR B 125 5.86 9.28 -3.47
C TYR B 125 4.62 10.17 -3.38
N ALA B 126 4.09 10.28 -2.17
CA ALA B 126 2.90 11.07 -1.89
C ALA B 126 2.99 11.60 -0.46
N SER B 127 2.10 12.53 -0.14
CA SER B 127 2.05 13.13 1.20
C SER B 127 1.06 12.41 2.11
N GLN B 128 -0.21 12.39 1.72
CA GLN B 128 -1.21 11.75 2.56
C GLN B 128 -2.52 11.62 1.80
N GLU B 129 -3.32 10.64 2.21
CA GLU B 129 -4.64 10.37 1.68
C GLU B 129 -4.58 9.61 0.37
C1 EDO C . -19.31 3.97 14.18
O1 EDO C . -18.42 4.93 14.75
C2 EDO C . -20.44 3.63 15.17
O2 EDO C . -21.40 2.79 14.53
H11 EDO C . -18.76 3.05 13.94
H12 EDO C . -19.75 4.35 13.26
HO1 EDO C . -17.72 5.12 14.11
H21 EDO C . -20.93 4.55 15.50
H22 EDO C . -20.03 3.12 16.04
HO2 EDO C . -22.11 2.57 15.15
C1 EDO D . 9.16 5.54 8.25
O1 EDO D . 8.10 5.81 7.34
C2 EDO D . 9.04 4.12 8.78
O2 EDO D . 10.22 3.77 9.52
H11 EDO D . 10.12 5.67 7.74
H12 EDO D . 9.13 6.25 9.08
HO1 EDO D . 8.18 6.72 7.01
H21 EDO D . 8.16 4.03 9.41
H22 EDO D . 8.92 3.42 7.94
HO2 EDO D . 10.13 2.86 9.86
C1 EDO E . 3.90 0.10 7.28
O1 EDO E . 2.72 0.79 7.48
C2 EDO E . 3.34 -1.24 7.00
O2 EDO E . 4.28 -1.80 6.14
H11 EDO E . 4.46 0.49 6.43
H12 EDO E . 4.52 0.10 8.18
HO1 EDO E . 2.92 1.72 7.68
H21 EDO E . 2.36 -1.17 6.52
H22 EDO E . 3.25 -1.83 7.93
HO2 EDO E . 4.00 -2.69 5.90
C1 EDO F . -30.72 -3.62 -4.41
O1 EDO F . -31.12 -3.80 -3.06
C2 EDO F . -32.00 -3.53 -5.20
O2 EDO F . -31.72 -3.30 -6.54
H11 EDO F . -30.14 -2.70 -4.51
H12 EDO F . -30.12 -4.46 -4.75
HO1 EDO F . -30.34 -3.86 -2.50
H21 EDO F . -32.57 -4.45 -5.08
H22 EDO F . -32.61 -2.71 -4.81
HO2 EDO F . -32.55 -3.25 -7.04
C1 EDO G . -6.40 5.13 3.63
O1 EDO G . -6.06 4.33 4.76
C2 EDO G . -5.61 6.44 3.67
O2 EDO G . -5.08 6.65 4.97
H11 EDO G . -6.19 4.59 2.71
H12 EDO G . -7.47 5.35 3.65
HO1 EDO G . -6.56 3.51 4.73
H21 EDO G . -4.81 6.42 2.92
H22 EDO G . -6.27 7.28 3.40
HO2 EDO G . -4.58 7.47 5.00
C1 EDO H . 28.96 -1.85 -11.53
O1 EDO H . 29.58 -1.42 -12.74
C2 EDO H . 27.69 -2.63 -11.88
O2 EDO H . 27.77 -3.96 -11.32
H11 EDO H . 29.63 -2.48 -10.95
H12 EDO H . 28.68 -0.98 -10.92
HO1 EDO H . 30.25 -0.76 -12.54
H21 EDO H . 27.61 -2.71 -12.96
H22 EDO H . 26.81 -2.12 -11.50
HO2 EDO H . 26.97 -4.45 -11.56
C1 EDO I . 25.45 13.24 -7.36
O1 EDO I . 24.70 13.09 -8.57
C2 EDO I . 25.12 12.07 -6.43
O2 EDO I . 24.03 11.32 -6.97
H11 EDO I . 25.19 14.17 -6.88
H12 EDO I . 26.52 13.25 -7.58
HO1 EDO I . 24.90 13.83 -9.17
H21 EDO I . 24.86 12.46 -5.44
H22 EDO I . 26.00 11.44 -6.33
HO2 EDO I . 23.84 10.58 -6.37
C1 EDO J . 13.34 2.88 -25.93
O1 EDO J . 13.28 4.21 -25.47
C2 EDO J . 14.43 2.20 -25.17
O2 EDO J . 14.18 0.81 -25.19
H11 EDO J . 13.55 2.87 -27.00
H12 EDO J . 12.38 2.40 -25.76
HO1 EDO J . 12.65 4.71 -26.02
H21 EDO J . 14.47 2.57 -24.15
H22 EDO J . 15.40 2.41 -25.65
HO2 EDO J . 14.88 0.36 -24.70
#